data_2DHC
#
_entry.id   2DHC
#
_cell.length_a   94.900
_cell.length_b   72.800
_cell.length_c   41.500
_cell.angle_alpha   90.00
_cell.angle_beta   90.00
_cell.angle_gamma   90.00
#
_symmetry.space_group_name_H-M   'P 21 21 2'
#
loop_
_entity.id
_entity.type
_entity.pdbx_description
1 polymer 'HALOALKANE DEHALOGENASE'
2 non-polymer 1,2-DICHLOROETHANE
3 water water
#
_entity_poly.entity_id   1
_entity_poly.type   'polypeptide(L)'
_entity_poly.pdbx_seq_one_letter_code
;MINAIRTPDQRFSNLDQYPFSPNYLDDLPGYPGLRAHYLDEGNSDAEDVFLCLHGEPTWSYLYRKMIPVFAESGARVIAP
DFFGFGKSDKPVDEEDYTFEFHRNFLLALIERLDLRNITLVVQDWGGFLGLTLPMADPSRFKRLIIMNACLMTDPVTQPA
FSAFVTQPADGFTAWKYDLVTPSDLRLDQFMKRWAPTLTEAEASAYAAPFPDTSYQAGVRKFPKMVAQRDQACIDISTEA
ISFWQNDWNGQTFMAIGMKDKLLGPDVMYPMKALINGCPEPLEIADAGHFVQEFGEQVAREALKHFAETE
;
_entity_poly.pdbx_strand_id   A
#
# COMPACT_ATOMS: atom_id res chain seq x y z
N MET A 1 3.67 -21.30 -14.11
CA MET A 1 3.92 -20.53 -15.32
C MET A 1 5.04 -19.54 -15.03
N ILE A 2 4.80 -18.79 -13.95
CA ILE A 2 5.65 -17.80 -13.33
C ILE A 2 6.42 -18.65 -12.33
N ASN A 3 7.74 -18.77 -12.45
CA ASN A 3 8.57 -19.50 -11.51
C ASN A 3 8.49 -18.66 -10.22
N ALA A 4 8.20 -19.21 -9.03
CA ALA A 4 8.12 -18.37 -7.84
C ALA A 4 8.75 -19.14 -6.67
N ILE A 5 9.09 -18.41 -5.62
CA ILE A 5 9.62 -19.01 -4.39
C ILE A 5 8.89 -18.47 -3.17
N ARG A 6 9.06 -19.20 -2.10
CA ARG A 6 8.42 -18.92 -0.82
C ARG A 6 9.46 -18.88 0.31
N THR A 7 9.24 -17.92 1.20
CA THR A 7 10.13 -17.64 2.36
C THR A 7 9.95 -18.63 3.50
N PRO A 8 11.07 -19.23 3.95
CA PRO A 8 11.04 -20.13 5.06
C PRO A 8 10.23 -19.51 6.18
N ASP A 9 9.33 -20.29 6.78
CA ASP A 9 8.44 -19.86 7.83
C ASP A 9 9.20 -19.44 9.06
N GLN A 10 10.38 -20.02 9.26
CA GLN A 10 11.18 -19.64 10.41
C GLN A 10 11.65 -18.16 10.33
N ARG A 11 11.61 -17.53 9.15
CA ARG A 11 12.03 -16.15 8.95
C ARG A 11 11.19 -15.21 9.79
N PHE A 12 10.00 -15.72 10.17
CA PHE A 12 9.05 -14.92 10.94
C PHE A 12 8.81 -15.31 12.39
N SER A 13 9.65 -16.14 13.00
CA SER A 13 9.45 -16.56 14.35
C SER A 13 9.53 -15.43 15.34
N ASN A 14 10.47 -14.54 15.10
CA ASN A 14 10.77 -13.50 16.08
C ASN A 14 10.13 -12.18 15.85
N LEU A 15 9.16 -12.03 14.97
CA LEU A 15 8.50 -10.75 14.76
C LEU A 15 8.07 -10.10 16.07
N ASP A 16 8.16 -8.78 16.18
CA ASP A 16 7.81 -7.95 17.30
C ASP A 16 6.52 -7.26 16.94
N GLN A 17 5.50 -7.32 17.78
CA GLN A 17 4.25 -6.69 17.52
C GLN A 17 3.43 -7.20 16.34
N TYR A 18 3.67 -8.46 15.99
CA TYR A 18 2.90 -9.06 14.93
C TYR A 18 2.20 -10.34 15.46
N PRO A 19 1.20 -10.26 16.36
CA PRO A 19 0.57 -11.48 16.82
C PRO A 19 -0.55 -12.02 15.92
N PHE A 20 -0.63 -11.61 14.64
CA PHE A 20 -1.70 -11.98 13.77
C PHE A 20 -1.43 -13.27 13.13
N SER A 21 -2.49 -14.10 13.03
CA SER A 21 -2.54 -15.45 12.48
C SER A 21 -2.63 -15.39 10.99
N PRO A 22 -1.93 -16.24 10.32
CA PRO A 22 -1.99 -16.14 8.89
C PRO A 22 -3.06 -16.87 8.13
N ASN A 23 -3.62 -16.29 7.05
CA ASN A 23 -4.59 -16.85 6.14
C ASN A 23 -3.99 -16.92 4.75
N TYR A 24 -4.36 -17.86 3.89
CA TYR A 24 -3.80 -17.96 2.56
C TYR A 24 -4.78 -18.27 1.49
N LEU A 25 -4.65 -17.83 0.26
CA LEU A 25 -5.56 -18.16 -0.82
C LEU A 25 -4.59 -18.68 -1.86
N ASP A 26 -4.78 -19.80 -2.55
CA ASP A 26 -3.74 -20.11 -3.46
C ASP A 26 -4.32 -20.47 -4.79
N ASP A 27 -5.54 -20.06 -4.93
CA ASP A 27 -6.18 -20.40 -6.18
C ASP A 27 -6.75 -19.21 -6.93
N LEU A 28 -6.15 -18.02 -6.83
CA LEU A 28 -6.76 -16.91 -7.52
C LEU A 28 -6.77 -17.24 -8.99
N PRO A 29 -7.67 -16.66 -9.77
CA PRO A 29 -7.75 -16.94 -11.21
C PRO A 29 -6.74 -16.05 -11.93
N GLY A 30 -5.83 -16.62 -12.72
CA GLY A 30 -4.83 -15.84 -13.42
C GLY A 30 -3.52 -16.03 -12.66
N TYR A 31 -3.70 -16.35 -11.38
CA TYR A 31 -2.61 -16.56 -10.43
C TYR A 31 -2.37 -18.01 -9.98
N PRO A 32 -2.23 -18.92 -10.96
CA PRO A 32 -1.97 -20.31 -10.69
C PRO A 32 -0.63 -20.69 -10.07
N GLY A 33 -0.76 -21.55 -9.07
CA GLY A 33 0.29 -22.13 -8.27
C GLY A 33 0.77 -21.18 -7.22
N LEU A 34 0.35 -19.91 -7.24
CA LEU A 34 0.78 -18.88 -6.30
C LEU A 34 -0.04 -18.76 -5.01
N ARG A 35 0.63 -18.74 -3.86
CA ARG A 35 -0.05 -18.60 -2.58
C ARG A 35 0.17 -17.18 -2.04
N ALA A 36 -0.90 -16.55 -1.60
CA ALA A 36 -0.95 -15.20 -1.11
C ALA A 36 -1.30 -15.29 0.36
N HIS A 37 -0.83 -14.36 1.20
CA HIS A 37 -1.08 -14.29 2.62
C HIS A 37 -1.85 -13.04 2.84
N TYR A 38 -2.72 -13.01 3.83
CA TYR A 38 -3.52 -11.88 4.17
C TYR A 38 -3.99 -12.03 5.60
N LEU A 39 -4.10 -10.90 6.25
CA LEU A 39 -4.62 -10.89 7.61
C LEU A 39 -6.12 -10.68 7.48
N ASP A 40 -6.82 -11.31 8.37
CA ASP A 40 -8.28 -11.24 8.49
C ASP A 40 -8.49 -11.09 9.97
N GLU A 41 -8.78 -9.88 10.37
CA GLU A 41 -8.88 -9.68 11.78
C GLU A 41 -10.17 -9.06 12.25
N GLY A 42 -10.52 -9.20 13.53
CA GLY A 42 -11.79 -8.67 14.01
C GLY A 42 -12.96 -9.64 13.64
N ASN A 43 -14.17 -9.20 13.90
CA ASN A 43 -15.42 -9.89 13.65
C ASN A 43 -15.57 -10.18 12.17
N SER A 44 -15.37 -11.42 11.78
CA SER A 44 -15.46 -11.85 10.40
C SER A 44 -16.86 -11.79 9.80
N ASP A 45 -17.71 -11.03 10.46
CA ASP A 45 -19.09 -10.84 10.01
C ASP A 45 -19.53 -9.39 10.11
N ALA A 46 -18.60 -8.52 10.44
CA ALA A 46 -18.91 -7.10 10.63
C ALA A 46 -19.46 -6.49 9.38
N GLU A 47 -20.20 -5.44 9.56
CA GLU A 47 -20.72 -4.80 8.38
C GLU A 47 -19.57 -4.31 7.49
N ASP A 48 -18.79 -3.41 8.10
CA ASP A 48 -17.64 -2.71 7.62
C ASP A 48 -16.34 -3.52 7.61
N VAL A 49 -15.62 -3.41 6.49
CA VAL A 49 -14.30 -4.01 6.21
C VAL A 49 -13.28 -2.91 5.89
N PHE A 50 -12.12 -2.88 6.53
CA PHE A 50 -11.01 -1.99 6.26
C PHE A 50 -10.07 -2.81 5.39
N LEU A 51 -10.02 -2.59 4.08
CA LEU A 51 -9.07 -3.28 3.23
C LEU A 51 -7.77 -2.40 3.32
N CYS A 52 -6.72 -2.91 3.97
CA CYS A 52 -5.45 -2.15 4.20
C CYS A 52 -4.36 -2.58 3.23
N LEU A 53 -4.02 -1.70 2.26
CA LEU A 53 -2.98 -1.91 1.23
C LEU A 53 -1.59 -1.33 1.57
N HIS A 54 -0.55 -2.18 1.48
CA HIS A 54 0.85 -1.89 1.73
C HIS A 54 1.59 -1.36 0.48
N GLY A 55 2.81 -0.84 0.63
CA GLY A 55 3.53 -0.27 -0.50
C GLY A 55 4.94 -0.73 -0.66
N GLU A 56 5.83 0.06 -1.24
CA GLU A 56 7.19 -0.33 -1.44
C GLU A 56 7.92 0.07 -0.17
N PRO A 57 8.80 -0.75 0.39
CA PRO A 57 9.22 -2.14 0.11
C PRO A 57 8.70 -2.96 1.30
N THR A 58 7.43 -2.75 1.70
CA THR A 58 6.94 -3.33 2.99
C THR A 58 5.97 -4.51 2.85
N TRP A 59 5.27 -4.77 3.98
CA TRP A 59 4.20 -5.80 4.05
C TRP A 59 3.13 -5.41 5.04
N SER A 60 2.17 -6.31 5.25
CA SER A 60 1.06 -6.11 6.22
C SER A 60 1.56 -5.69 7.63
N TYR A 61 2.76 -6.14 7.99
CA TYR A 61 3.47 -5.79 9.22
C TYR A 61 3.36 -4.29 9.41
N LEU A 62 3.27 -3.57 8.28
CA LEU A 62 3.18 -2.14 8.27
C LEU A 62 2.05 -1.52 9.02
N TYR A 63 0.84 -2.13 8.95
CA TYR A 63 -0.46 -1.76 9.54
C TYR A 63 -0.68 -2.20 10.99
N ARG A 64 0.28 -2.95 11.46
CA ARG A 64 0.37 -3.49 12.78
C ARG A 64 -0.04 -2.65 13.95
N LYS A 65 -0.08 -1.32 13.91
CA LYS A 65 -0.46 -0.57 15.10
C LYS A 65 -1.80 0.02 14.83
N MET A 66 -2.28 -0.13 13.60
CA MET A 66 -3.53 0.35 13.07
C MET A 66 -4.68 -0.68 13.13
N ILE A 67 -4.31 -1.89 12.83
CA ILE A 67 -5.18 -3.05 12.76
C ILE A 67 -6.03 -3.22 14.00
N PRO A 68 -5.37 -3.24 15.13
CA PRO A 68 -6.21 -3.42 16.30
C PRO A 68 -7.15 -2.30 16.60
N VAL A 69 -6.81 -1.10 16.19
CA VAL A 69 -7.71 0.01 16.50
C VAL A 69 -8.97 -0.18 15.67
N PHE A 70 -8.77 -0.65 14.45
CA PHE A 70 -9.87 -0.87 13.54
C PHE A 70 -10.73 -2.04 14.04
N ALA A 71 -10.14 -3.18 14.42
CA ALA A 71 -10.84 -4.37 14.97
C ALA A 71 -11.67 -3.99 16.24
N GLU A 72 -11.05 -3.33 17.20
CA GLU A 72 -11.68 -2.89 18.42
C GLU A 72 -12.81 -1.90 18.16
N SER A 73 -13.00 -1.51 16.93
CA SER A 73 -14.08 -0.55 16.64
C SER A 73 -15.34 -1.27 16.17
N GLY A 74 -15.08 -2.54 15.83
CA GLY A 74 -16.06 -3.46 15.30
C GLY A 74 -15.98 -3.70 13.81
N ALA A 75 -14.82 -3.49 13.25
CA ALA A 75 -14.65 -3.74 11.84
C ALA A 75 -13.83 -5.01 11.65
N ARG A 76 -13.93 -5.54 10.47
CA ARG A 76 -13.13 -6.68 10.04
C ARG A 76 -11.97 -6.04 9.21
N VAL A 77 -10.74 -6.41 9.48
CA VAL A 77 -9.71 -5.83 8.70
C VAL A 77 -9.11 -6.84 7.77
N ILE A 78 -9.00 -6.62 6.49
CA ILE A 78 -8.32 -7.52 5.56
C ILE A 78 -6.93 -6.83 5.47
N ALA A 79 -5.90 -7.50 5.03
CA ALA A 79 -4.58 -6.85 4.95
C ALA A 79 -3.62 -7.77 4.25
N PRO A 80 -3.70 -7.78 2.93
CA PRO A 80 -2.95 -8.64 2.05
C PRO A 80 -1.48 -8.24 1.76
N ASP A 81 -0.66 -9.28 1.59
CA ASP A 81 0.72 -9.07 1.25
C ASP A 81 0.76 -9.33 -0.29
N PHE A 82 1.30 -8.39 -1.06
CA PHE A 82 1.38 -8.56 -2.54
C PHE A 82 2.34 -9.71 -2.86
N PHE A 83 2.19 -10.30 -4.04
CA PHE A 83 3.15 -11.33 -4.50
C PHE A 83 4.52 -10.60 -4.58
N GLY A 84 5.58 -11.13 -3.98
CA GLY A 84 6.92 -10.60 -3.88
C GLY A 84 7.19 -9.94 -2.54
N PHE A 85 6.14 -9.83 -1.69
CA PHE A 85 6.21 -9.18 -0.40
C PHE A 85 5.75 -10.06 0.77
N GLY A 86 6.08 -9.70 2.01
CA GLY A 86 5.71 -10.36 3.26
C GLY A 86 5.67 -11.88 3.19
N LYS A 87 4.46 -12.47 3.46
CA LYS A 87 4.27 -13.92 3.40
C LYS A 87 3.76 -14.50 2.08
N SER A 88 3.39 -13.66 1.10
CA SER A 88 2.96 -14.20 -0.16
C SER A 88 4.14 -14.77 -0.90
N ASP A 89 3.86 -15.43 -2.01
CA ASP A 89 4.89 -16.06 -2.78
C ASP A 89 5.61 -15.02 -3.64
N LYS A 90 6.78 -15.39 -4.19
CA LYS A 90 7.51 -14.37 -4.97
C LYS A 90 8.05 -14.76 -6.29
N PRO A 91 7.49 -14.25 -7.35
CA PRO A 91 8.02 -14.60 -8.63
C PRO A 91 9.45 -14.09 -8.59
N VAL A 92 10.30 -14.89 -9.25
CA VAL A 92 11.73 -14.66 -9.33
C VAL A 92 12.29 -13.62 -10.30
N ASP A 93 11.53 -13.38 -11.35
CA ASP A 93 11.80 -12.49 -12.45
C ASP A 93 11.06 -11.16 -12.37
N GLU A 94 11.78 -10.04 -12.52
CA GLU A 94 11.15 -8.75 -12.49
C GLU A 94 10.22 -8.57 -13.68
N GLU A 95 10.35 -9.23 -14.84
CA GLU A 95 9.49 -9.11 -16.03
C GLU A 95 8.03 -9.51 -15.81
N ASP A 96 7.80 -10.20 -14.69
CA ASP A 96 6.50 -10.72 -14.26
C ASP A 96 5.69 -9.75 -13.43
N TYR A 97 6.34 -8.81 -12.74
CA TYR A 97 5.59 -7.87 -11.99
C TYR A 97 5.28 -6.69 -12.91
N THR A 98 4.00 -6.42 -13.01
CA THR A 98 3.48 -5.28 -13.78
C THR A 98 2.40 -4.62 -12.93
N PHE A 99 1.80 -3.61 -13.49
CA PHE A 99 0.76 -2.83 -12.80
C PHE A 99 -0.54 -3.61 -12.77
N GLU A 100 -0.82 -4.29 -13.84
CA GLU A 100 -2.04 -5.09 -13.94
C GLU A 100 -1.91 -6.35 -13.10
N PHE A 101 -0.78 -6.99 -13.28
CA PHE A 101 -0.51 -8.21 -12.53
C PHE A 101 -0.72 -7.93 -11.05
N HIS A 102 -0.52 -6.79 -10.46
CA HIS A 102 -0.74 -6.65 -9.05
C HIS A 102 -2.14 -6.10 -8.88
N ARG A 103 -2.70 -5.54 -9.93
CA ARG A 103 -4.00 -4.93 -9.76
C ARG A 103 -5.10 -5.95 -9.88
N ASN A 104 -4.85 -6.83 -10.83
CA ASN A 104 -5.78 -7.89 -11.10
C ASN A 104 -5.84 -8.84 -9.90
N PHE A 105 -4.70 -8.96 -9.23
CA PHE A 105 -4.60 -9.79 -8.02
C PHE A 105 -5.47 -9.21 -6.93
N LEU A 106 -5.63 -7.90 -7.00
CA LEU A 106 -6.40 -7.16 -5.99
C LEU A 106 -7.88 -7.35 -6.16
N LEU A 107 -8.30 -7.31 -7.42
CA LEU A 107 -9.66 -7.47 -7.86
C LEU A 107 -10.03 -8.92 -7.63
N ALA A 108 -9.10 -9.82 -7.86
CA ALA A 108 -9.28 -11.24 -7.64
C ALA A 108 -9.50 -11.46 -6.14
N LEU A 109 -8.66 -10.96 -5.27
CA LEU A 109 -8.77 -11.12 -3.84
C LEU A 109 -10.12 -10.64 -3.38
N ILE A 110 -10.55 -9.47 -3.86
CA ILE A 110 -11.81 -8.83 -3.52
C ILE A 110 -13.03 -9.66 -3.95
N GLU A 111 -13.02 -10.22 -5.15
CA GLU A 111 -14.17 -10.99 -5.57
C GLU A 111 -14.28 -12.22 -4.68
N ARG A 112 -13.22 -13.00 -4.68
CA ARG A 112 -13.09 -14.20 -3.91
C ARG A 112 -13.62 -14.10 -2.46
N LEU A 113 -13.25 -13.11 -1.65
CA LEU A 113 -13.70 -12.97 -0.29
C LEU A 113 -15.03 -12.26 -0.28
N ASP A 114 -15.40 -11.78 -1.46
CA ASP A 114 -16.63 -11.03 -1.64
C ASP A 114 -16.67 -9.92 -0.62
N LEU A 115 -15.85 -8.86 -0.67
CA LEU A 115 -15.93 -7.82 0.37
C LEU A 115 -16.81 -6.73 -0.17
N ARG A 116 -17.52 -6.10 0.74
CA ARG A 116 -18.46 -5.04 0.56
C ARG A 116 -18.33 -4.11 1.74
N ASN A 117 -18.88 -2.92 1.67
CA ASN A 117 -18.70 -2.01 2.76
C ASN A 117 -17.25 -1.64 3.07
N ILE A 118 -16.42 -1.52 2.01
CA ILE A 118 -15.01 -1.19 2.14
C ILE A 118 -14.64 0.26 2.33
N THR A 119 -13.79 0.35 3.35
CA THR A 119 -13.04 1.54 3.72
C THR A 119 -11.62 1.22 3.29
N LEU A 120 -11.32 1.67 2.09
CA LEU A 120 -10.01 1.48 1.46
C LEU A 120 -8.98 2.29 2.27
N VAL A 121 -7.87 1.64 2.61
CA VAL A 121 -6.78 2.29 3.38
C VAL A 121 -5.48 2.14 2.61
N VAL A 122 -5.02 3.26 2.04
CA VAL A 122 -3.83 3.26 1.14
C VAL A 122 -2.68 4.21 1.56
N GLN A 123 -1.52 3.94 0.99
CA GLN A 123 -0.23 4.66 1.14
C GLN A 123 0.76 4.12 0.11
N ASP A 124 1.62 4.91 -0.49
CA ASP A 124 2.55 4.34 -1.42
C ASP A 124 1.92 3.58 -2.54
N TRP A 125 2.54 2.49 -2.98
CA TRP A 125 2.05 1.66 -4.05
C TRP A 125 0.66 1.09 -3.73
N GLY A 126 0.38 1.03 -2.43
CA GLY A 126 -0.92 0.54 -2.12
C GLY A 126 -2.01 1.50 -2.65
N GLY A 127 -1.69 2.80 -2.68
CA GLY A 127 -2.65 3.79 -3.15
C GLY A 127 -2.58 3.88 -4.69
N PHE A 128 -1.37 3.66 -5.23
CA PHE A 128 -1.16 3.74 -6.70
C PHE A 128 -2.03 2.69 -7.43
N LEU A 129 -2.13 1.50 -6.82
CA LEU A 129 -2.96 0.40 -7.37
C LEU A 129 -4.38 0.54 -6.83
N GLY A 130 -4.41 0.69 -5.54
CA GLY A 130 -5.63 0.78 -4.74
C GLY A 130 -6.54 1.89 -5.15
N LEU A 131 -6.05 3.00 -5.72
CA LEU A 131 -7.01 4.05 -6.08
C LEU A 131 -7.65 3.80 -7.45
N THR A 132 -7.30 2.70 -8.08
CA THR A 132 -7.88 2.32 -9.39
C THR A 132 -8.89 1.20 -9.23
N LEU A 133 -9.05 0.80 -7.99
CA LEU A 133 -9.96 -0.27 -7.61
C LEU A 133 -11.40 0.20 -7.73
N PRO A 134 -11.85 1.17 -6.93
CA PRO A 134 -13.19 1.58 -6.96
C PRO A 134 -13.95 1.61 -8.25
N MET A 135 -13.45 2.16 -9.34
CA MET A 135 -14.20 2.25 -10.58
C MET A 135 -14.44 0.90 -11.15
N ALA A 136 -13.78 -0.09 -10.60
CA ALA A 136 -13.99 -1.42 -11.14
C ALA A 136 -15.35 -2.05 -10.78
N ASP A 137 -15.81 -1.70 -9.59
CA ASP A 137 -17.02 -2.16 -8.96
C ASP A 137 -17.31 -1.16 -7.88
N PRO A 138 -17.97 -0.13 -8.31
CA PRO A 138 -18.24 0.91 -7.37
C PRO A 138 -19.13 0.58 -6.17
N SER A 139 -20.07 -0.31 -6.34
CA SER A 139 -21.04 -0.63 -5.26
C SER A 139 -20.37 -1.19 -3.97
N ARG A 140 -19.15 -1.64 -4.08
CA ARG A 140 -18.45 -2.27 -2.94
C ARG A 140 -17.56 -1.36 -2.15
N PHE A 141 -17.43 -0.08 -2.46
CA PHE A 141 -16.50 0.77 -1.72
C PHE A 141 -17.34 1.77 -1.01
N LYS A 142 -17.04 2.16 0.20
CA LYS A 142 -17.84 3.14 0.87
C LYS A 142 -17.00 4.26 1.47
N ARG A 143 -15.80 3.94 1.90
CA ARG A 143 -14.93 4.95 2.42
C ARG A 143 -13.46 4.86 1.92
N LEU A 144 -12.62 5.83 2.33
CA LEU A 144 -11.21 5.88 1.94
C LEU A 144 -10.42 6.69 2.96
N ILE A 145 -9.32 6.10 3.36
CA ILE A 145 -8.35 6.73 4.24
C ILE A 145 -7.08 6.80 3.44
N ILE A 146 -6.75 7.97 2.97
CA ILE A 146 -5.59 8.10 2.10
C ILE A 146 -4.43 8.82 2.78
N MET A 147 -3.35 8.08 2.80
CA MET A 147 -2.07 8.56 3.30
C MET A 147 -1.14 8.71 2.07
N ASN A 148 -0.14 9.61 2.11
CA ASN A 148 0.86 9.89 1.12
C ASN A 148 0.90 8.92 0.00
N ALA A 149 0.17 9.24 -1.03
CA ALA A 149 0.04 8.51 -2.27
C ALA A 149 -0.61 9.37 -3.34
N CYS A 150 -0.68 8.88 -4.56
CA CYS A 150 -1.30 9.60 -5.67
C CYS A 150 -1.63 8.69 -6.82
N LEU A 151 -1.85 9.20 -7.99
CA LEU A 151 -2.15 8.32 -9.12
C LEU A 151 -1.03 8.43 -10.17
N MET A 152 -0.60 7.28 -10.65
CA MET A 152 0.48 7.20 -11.66
C MET A 152 -0.05 7.64 -13.01
N THR A 153 -0.04 8.92 -13.16
CA THR A 153 -0.56 9.55 -14.36
C THR A 153 0.63 9.93 -15.26
N ASP A 154 0.31 10.29 -16.49
CA ASP A 154 1.34 10.75 -17.43
C ASP A 154 1.58 12.24 -17.22
N PRO A 155 2.79 12.70 -17.44
CA PRO A 155 3.15 14.07 -17.19
C PRO A 155 2.13 15.13 -17.55
N VAL A 156 1.76 15.21 -18.78
CA VAL A 156 0.85 16.28 -19.23
C VAL A 156 -0.32 16.56 -18.26
N THR A 157 -1.21 15.59 -18.21
CA THR A 157 -2.49 15.66 -17.47
C THR A 157 -2.37 16.01 -15.96
N GLN A 158 -1.28 15.58 -15.31
CA GLN A 158 -0.99 15.92 -13.88
C GLN A 158 0.50 16.03 -13.60
N PRO A 159 1.12 17.20 -13.70
CA PRO A 159 2.58 17.31 -13.47
C PRO A 159 3.09 17.00 -12.09
N ALA A 160 2.31 17.26 -11.08
CA ALA A 160 2.66 17.04 -9.68
C ALA A 160 2.98 15.60 -9.30
N PHE A 161 2.41 14.68 -10.07
CA PHE A 161 2.55 13.25 -9.85
C PHE A 161 3.60 12.61 -10.69
N SER A 162 4.40 13.50 -11.32
CA SER A 162 5.52 13.07 -12.13
C SER A 162 6.71 13.84 -11.62
N ALA A 163 6.47 15.08 -11.23
CA ALA A 163 7.57 15.92 -10.81
C ALA A 163 8.52 15.40 -9.73
N PHE A 164 8.01 14.74 -8.74
CA PHE A 164 8.85 14.30 -7.60
C PHE A 164 9.86 13.20 -7.99
N VAL A 165 9.82 12.78 -9.23
CA VAL A 165 10.66 11.65 -9.70
C VAL A 165 12.12 12.04 -9.93
N THR A 166 12.26 13.31 -10.36
CA THR A 166 13.44 14.08 -10.76
C THR A 166 13.98 15.02 -9.70
N GLN A 167 13.08 15.65 -8.94
CA GLN A 167 13.50 16.57 -7.91
C GLN A 167 12.78 16.31 -6.59
N PRO A 168 13.38 16.28 -5.42
CA PRO A 168 14.75 16.50 -5.01
C PRO A 168 15.64 15.33 -5.26
N ALA A 169 16.95 15.51 -5.32
CA ALA A 169 17.86 14.43 -5.57
C ALA A 169 17.89 13.57 -4.31
N ASP A 170 17.43 14.02 -3.09
CA ASP A 170 17.40 13.23 -1.86
C ASP A 170 16.02 12.63 -1.49
N GLY A 171 15.11 12.66 -2.48
CA GLY A 171 13.75 12.17 -2.46
C GLY A 171 13.69 10.92 -3.33
N PHE A 172 12.76 10.86 -4.24
CA PHE A 172 12.64 9.68 -5.08
C PHE A 172 13.90 9.26 -5.85
N THR A 173 14.77 10.15 -6.23
CA THR A 173 16.01 9.72 -6.92
C THR A 173 16.85 8.85 -5.98
N ALA A 174 16.86 9.26 -4.71
CA ALA A 174 17.62 8.59 -3.64
C ALA A 174 16.95 7.26 -3.25
N TRP A 175 15.63 7.27 -3.12
CA TRP A 175 14.88 6.06 -2.76
C TRP A 175 15.15 4.95 -3.81
N LYS A 176 14.96 5.29 -5.08
CA LYS A 176 15.22 4.37 -6.18
C LYS A 176 16.69 3.95 -6.16
N TYR A 177 17.63 4.85 -5.85
CA TYR A 177 19.01 4.39 -5.87
C TYR A 177 19.27 3.26 -4.84
N ASP A 178 18.87 3.48 -3.58
CA ASP A 178 18.99 2.57 -2.44
C ASP A 178 18.38 1.21 -2.72
N LEU A 179 17.30 1.19 -3.51
CA LEU A 179 16.55 0.01 -3.89
C LEU A 179 17.10 -0.74 -5.08
N VAL A 180 17.12 -0.17 -6.31
CA VAL A 180 17.60 -0.96 -7.44
C VAL A 180 19.07 -1.18 -7.66
N THR A 181 19.93 -0.50 -6.90
CA THR A 181 21.34 -0.64 -7.16
C THR A 181 22.14 -1.56 -6.31
N PRO A 182 21.91 -1.61 -5.01
CA PRO A 182 22.72 -2.52 -4.23
C PRO A 182 22.67 -3.99 -4.66
N SER A 183 23.82 -4.63 -4.65
CA SER A 183 23.75 -6.02 -5.02
C SER A 183 23.31 -6.79 -3.78
N ASP A 184 23.59 -6.16 -2.65
CA ASP A 184 23.30 -6.62 -1.30
C ASP A 184 22.51 -5.60 -0.49
N LEU A 185 21.21 -5.59 -0.84
CA LEU A 185 20.10 -4.79 -0.34
C LEU A 185 19.66 -5.28 1.03
N ARG A 186 19.90 -4.46 2.04
CA ARG A 186 19.49 -4.80 3.39
C ARG A 186 18.36 -3.88 3.75
N LEU A 187 17.17 -4.41 3.68
CA LEU A 187 15.94 -3.71 3.98
C LEU A 187 15.79 -3.25 5.42
N ASP A 188 16.62 -3.77 6.36
CA ASP A 188 16.58 -3.31 7.75
C ASP A 188 17.24 -1.93 7.85
N GLN A 189 18.37 -1.65 7.16
CA GLN A 189 19.17 -0.41 7.04
C GLN A 189 18.35 0.60 6.23
N PHE A 190 17.78 0.11 5.13
CA PHE A 190 16.95 0.96 4.25
C PHE A 190 15.80 1.61 5.03
N MET A 191 15.13 0.79 5.82
CA MET A 191 13.94 1.23 6.59
C MET A 191 14.31 2.11 7.76
N LYS A 192 15.45 1.81 8.35
CA LYS A 192 15.92 2.58 9.47
C LYS A 192 16.32 3.97 9.04
N ARG A 193 16.60 4.14 7.76
CA ARG A 193 16.96 5.41 7.07
C ARG A 193 15.72 6.12 6.55
N TRP A 194 14.74 5.39 6.01
CA TRP A 194 13.54 6.08 5.54
C TRP A 194 12.50 6.33 6.64
N ALA A 195 12.69 5.68 7.78
CA ALA A 195 11.81 5.78 8.94
C ALA A 195 12.66 5.84 10.22
N PRO A 196 13.42 6.92 10.51
CA PRO A 196 14.31 7.02 11.66
C PRO A 196 13.73 6.67 13.02
N THR A 197 12.44 6.48 13.13
CA THR A 197 11.85 6.22 14.46
C THR A 197 11.77 4.71 14.80
N LEU A 198 11.85 3.85 13.80
CA LEU A 198 11.79 2.38 13.99
C LEU A 198 12.77 1.91 15.05
N THR A 199 12.66 0.77 15.78
CA THR A 199 13.61 0.31 16.78
C THR A 199 14.36 -0.76 16.03
N GLU A 200 15.47 -1.27 16.52
CA GLU A 200 16.16 -2.27 15.73
C GLU A 200 15.27 -3.45 15.46
N ALA A 201 14.33 -3.75 16.35
CA ALA A 201 13.45 -4.90 16.14
C ALA A 201 12.45 -4.80 15.00
N GLU A 202 11.83 -3.63 14.86
CA GLU A 202 10.88 -3.32 13.84
C GLU A 202 11.49 -3.40 12.44
N ALA A 203 12.63 -2.70 12.38
CA ALA A 203 13.39 -2.64 11.15
C ALA A 203 13.67 -4.04 10.63
N SER A 204 14.00 -4.93 11.56
CA SER A 204 14.34 -6.31 11.19
C SER A 204 13.10 -7.05 10.68
N ALA A 205 11.94 -6.56 11.08
CA ALA A 205 10.68 -7.16 10.64
C ALA A 205 10.48 -6.97 9.13
N TYR A 206 11.06 -5.89 8.60
CA TYR A 206 10.88 -5.58 7.17
C TYR A 206 11.93 -6.31 6.28
N ALA A 207 12.93 -6.95 6.90
CA ALA A 207 13.96 -7.75 6.16
C ALA A 207 13.62 -9.22 6.33
N ALA A 208 12.76 -9.59 7.28
CA ALA A 208 12.37 -10.98 7.50
C ALA A 208 11.95 -11.76 6.25
N PRO A 209 11.18 -11.13 5.35
CA PRO A 209 10.81 -11.90 4.23
C PRO A 209 11.90 -12.14 3.27
N PHE A 210 13.04 -11.41 3.42
CA PHE A 210 14.09 -11.57 2.39
C PHE A 210 15.50 -11.94 2.84
N PRO A 211 15.67 -13.24 2.82
CA PRO A 211 16.87 -13.98 3.17
C PRO A 211 18.04 -13.70 2.28
N ASP A 212 17.76 -13.67 0.99
CA ASP A 212 18.74 -13.34 -0.03
C ASP A 212 18.06 -12.64 -1.20
N THR A 213 18.91 -12.08 -2.05
CA THR A 213 18.44 -11.20 -3.11
C THR A 213 17.50 -11.86 -4.09
N SER A 214 17.53 -13.18 -4.24
CA SER A 214 16.61 -13.80 -5.18
C SER A 214 15.14 -13.72 -4.73
N TYR A 215 14.94 -13.26 -3.52
CA TYR A 215 13.59 -13.12 -3.02
C TYR A 215 13.12 -11.71 -3.28
N GLN A 216 14.04 -10.88 -3.71
CA GLN A 216 13.72 -9.50 -3.92
C GLN A 216 13.31 -9.02 -5.32
N ALA A 217 13.00 -9.83 -6.27
CA ALA A 217 12.65 -9.23 -7.53
C ALA A 217 11.51 -8.26 -7.54
N GLY A 218 10.60 -8.38 -6.58
CA GLY A 218 9.48 -7.49 -6.67
C GLY A 218 9.73 -6.21 -5.93
N VAL A 219 10.74 -6.23 -5.05
CA VAL A 219 11.23 -5.13 -4.26
C VAL A 219 11.82 -4.20 -5.33
N ARG A 220 12.73 -4.74 -6.17
CA ARG A 220 13.42 -4.17 -7.29
C ARG A 220 12.59 -3.55 -8.41
N LYS A 221 11.54 -4.13 -8.93
CA LYS A 221 10.72 -3.61 -9.99
C LYS A 221 9.77 -2.46 -9.62
N PHE A 222 9.35 -2.41 -8.37
CA PHE A 222 8.45 -1.35 -8.05
C PHE A 222 8.99 0.06 -8.26
N PRO A 223 10.15 0.54 -7.76
CA PRO A 223 10.55 1.89 -8.05
C PRO A 223 10.61 2.11 -9.57
N LYS A 224 11.14 1.13 -10.30
CA LYS A 224 11.16 1.25 -11.72
C LYS A 224 9.81 1.40 -12.40
N MET A 225 8.75 1.05 -11.71
CA MET A 225 7.42 1.16 -12.31
C MET A 225 6.90 2.59 -12.09
N VAL A 226 7.56 3.31 -11.20
CA VAL A 226 7.17 4.70 -10.93
C VAL A 226 7.77 5.59 -12.03
N ALA A 227 9.00 5.18 -12.35
CA ALA A 227 9.88 5.75 -13.33
C ALA A 227 9.37 5.51 -14.72
N GLN A 228 9.12 4.24 -15.06
CA GLN A 228 8.65 3.84 -16.35
C GLN A 228 7.21 3.27 -16.39
N ARG A 229 6.15 4.03 -16.44
CA ARG A 229 4.72 3.81 -16.52
C ARG A 229 4.27 3.38 -17.92
N ASP A 230 3.79 2.10 -18.10
CA ASP A 230 3.33 1.53 -19.36
C ASP A 230 2.02 2.12 -19.71
N GLN A 231 1.51 1.83 -20.91
CA GLN A 231 0.23 2.35 -21.33
C GLN A 231 -0.95 1.95 -20.46
N ALA A 232 -1.19 0.63 -20.23
CA ALA A 232 -2.29 0.20 -19.36
C ALA A 232 -2.36 1.05 -18.06
N CYS A 233 -1.20 1.17 -17.38
CA CYS A 233 -1.09 1.91 -16.08
C CYS A 233 -1.50 3.37 -16.19
N ILE A 234 -1.16 3.94 -17.36
CA ILE A 234 -1.47 5.34 -17.68
C ILE A 234 -2.95 5.41 -17.96
N ASP A 235 -3.39 4.54 -18.89
CA ASP A 235 -4.83 4.60 -19.16
C ASP A 235 -5.70 4.37 -17.92
N ILE A 236 -5.35 3.31 -17.19
CA ILE A 236 -6.09 2.99 -16.00
C ILE A 236 -6.05 4.14 -15.03
N SER A 237 -4.90 4.67 -14.65
CA SER A 237 -4.74 5.77 -13.72
C SER A 237 -5.37 7.07 -14.15
N THR A 238 -5.53 7.20 -15.46
CA THR A 238 -6.16 8.39 -16.04
C THR A 238 -7.68 8.33 -15.92
N GLU A 239 -8.13 7.11 -16.00
CA GLU A 239 -9.54 6.75 -15.92
C GLU A 239 -10.04 6.90 -14.47
N ALA A 240 -9.11 6.69 -13.52
CA ALA A 240 -9.38 6.81 -12.08
C ALA A 240 -9.63 8.29 -11.70
N ILE A 241 -8.93 9.30 -12.25
CA ILE A 241 -9.15 10.70 -11.89
C ILE A 241 -10.64 11.05 -12.02
N SER A 242 -11.12 10.78 -13.20
CA SER A 242 -12.49 11.02 -13.59
C SER A 242 -13.49 10.45 -12.57
N PHE A 243 -13.21 9.25 -12.06
CA PHE A 243 -13.98 8.48 -11.10
C PHE A 243 -13.88 9.19 -9.76
N TRP A 244 -12.69 9.57 -9.30
CA TRP A 244 -12.62 10.26 -8.03
C TRP A 244 -13.19 11.66 -8.12
N GLN A 245 -13.08 12.28 -9.28
CA GLN A 245 -13.60 13.63 -9.38
C GLN A 245 -15.11 13.66 -9.64
N ASN A 246 -15.63 12.83 -10.53
CA ASN A 246 -17.05 12.90 -10.81
C ASN A 246 -18.00 11.86 -10.20
N ASP A 247 -17.61 10.59 -10.15
CA ASP A 247 -18.39 9.48 -9.65
C ASP A 247 -18.42 9.29 -8.10
N TRP A 248 -17.27 9.30 -7.47
CA TRP A 248 -17.14 9.03 -6.00
C TRP A 248 -18.05 9.92 -5.09
N ASN A 249 -18.87 9.25 -4.22
CA ASN A 249 -19.77 9.95 -3.25
C ASN A 249 -19.59 9.50 -1.83
N GLY A 250 -18.50 8.79 -1.65
CA GLY A 250 -18.05 8.23 -0.41
C GLY A 250 -17.49 9.21 0.57
N GLN A 251 -17.08 8.72 1.72
CA GLN A 251 -16.53 9.58 2.73
C GLN A 251 -15.01 9.49 2.73
N THR A 252 -14.30 10.59 2.92
CA THR A 252 -12.85 10.44 2.91
C THR A 252 -12.19 11.04 4.13
N PHE A 253 -10.97 10.57 4.33
CA PHE A 253 -10.11 11.03 5.40
C PHE A 253 -8.64 11.07 4.92
N MET A 254 -8.00 12.27 4.99
CA MET A 254 -6.62 12.40 4.55
C MET A 254 -5.70 12.79 5.68
N ALA A 255 -4.51 12.17 5.67
CA ALA A 255 -3.48 12.44 6.66
C ALA A 255 -2.22 12.59 5.85
N ILE A 256 -1.45 13.64 6.13
CA ILE A 256 -0.19 13.92 5.39
C ILE A 256 1.02 13.82 6.30
N GLY A 257 2.03 13.11 5.82
CA GLY A 257 3.30 13.01 6.50
C GLY A 257 4.21 14.12 5.88
N MET A 258 4.19 15.26 6.58
CA MET A 258 4.90 16.54 6.22
C MET A 258 6.40 16.38 5.99
N LYS A 259 7.05 15.38 6.56
CA LYS A 259 8.48 15.16 6.37
C LYS A 259 8.72 14.31 5.15
N ASP A 260 7.71 14.07 4.36
CA ASP A 260 8.02 13.23 3.22
C ASP A 260 8.50 14.09 2.03
N LYS A 261 9.61 13.60 1.47
CA LYS A 261 10.38 14.13 0.35
C LYS A 261 9.83 13.57 -0.93
N LEU A 262 9.24 12.35 -0.93
CA LEU A 262 8.67 11.84 -2.17
C LEU A 262 7.28 12.40 -2.42
N LEU A 263 6.33 12.07 -1.49
CA LEU A 263 4.94 12.52 -1.62
C LEU A 263 4.34 13.41 -0.54
N GLY A 264 4.92 14.54 -0.14
CA GLY A 264 4.38 15.39 0.91
C GLY A 264 3.35 16.25 0.26
N PRO A 265 3.15 17.45 0.78
CA PRO A 265 2.22 18.48 0.32
C PRO A 265 2.09 18.75 -1.16
N ASP A 266 3.19 18.79 -1.87
CA ASP A 266 3.26 19.02 -3.29
C ASP A 266 2.39 18.11 -4.09
N VAL A 267 2.38 16.87 -3.61
CA VAL A 267 1.60 15.80 -4.19
C VAL A 267 0.22 15.61 -3.53
N MET A 268 0.07 15.82 -2.22
CA MET A 268 -1.18 15.66 -1.47
C MET A 268 -2.26 16.74 -1.62
N TYR A 269 -1.85 17.99 -1.83
CA TYR A 269 -2.86 19.04 -2.03
C TYR A 269 -3.62 18.94 -3.34
N PRO A 270 -2.88 18.47 -4.33
CA PRO A 270 -3.45 18.26 -5.66
C PRO A 270 -4.36 17.01 -5.70
N MET A 271 -4.10 16.00 -4.89
CA MET A 271 -4.87 14.78 -4.77
C MET A 271 -6.11 15.22 -4.00
N LYS A 272 -5.90 15.94 -2.91
CA LYS A 272 -7.07 16.35 -2.19
C LYS A 272 -8.02 17.02 -3.15
N ALA A 273 -7.59 17.63 -4.27
CA ALA A 273 -8.61 18.31 -5.08
C ALA A 273 -9.43 17.55 -6.10
N LEU A 274 -8.84 16.43 -6.44
CA LEU A 274 -9.44 15.58 -7.43
C LEU A 274 -10.39 14.56 -6.78
N ILE A 275 -10.41 14.39 -5.45
CA ILE A 275 -11.29 13.42 -4.80
C ILE A 275 -12.54 14.15 -4.47
N ASN A 276 -13.64 13.92 -5.19
CA ASN A 276 -14.85 14.66 -4.85
C ASN A 276 -15.18 14.50 -3.36
N GLY A 277 -15.27 15.62 -2.66
CA GLY A 277 -15.67 15.66 -1.24
C GLY A 277 -14.50 15.49 -0.22
N CYS A 278 -13.25 15.48 -0.68
CA CYS A 278 -12.08 15.34 0.26
C CYS A 278 -11.88 16.63 1.08
N PRO A 279 -11.91 16.50 2.41
CA PRO A 279 -11.85 17.58 3.40
C PRO A 279 -10.37 18.05 3.69
N GLU A 280 -10.21 19.10 4.58
CA GLU A 280 -8.88 19.76 5.07
C GLU A 280 -7.89 18.69 5.58
N PRO A 281 -6.74 18.32 4.98
CA PRO A 281 -6.05 17.16 5.46
C PRO A 281 -5.58 17.37 6.87
N LEU A 282 -5.10 16.27 7.41
CA LEU A 282 -4.55 16.15 8.74
C LEU A 282 -3.07 16.01 8.47
N GLU A 283 -2.39 17.06 8.88
CA GLU A 283 -0.97 17.26 8.76
C GLU A 283 -0.25 16.71 9.98
N ILE A 284 0.53 15.68 9.78
CA ILE A 284 1.31 15.11 10.87
C ILE A 284 2.73 15.62 10.73
N ALA A 285 3.07 16.55 11.56
CA ALA A 285 4.36 17.22 11.48
C ALA A 285 5.54 16.30 11.66
N ASP A 286 5.59 15.41 12.64
CA ASP A 286 6.81 14.63 12.75
C ASP A 286 6.93 13.39 11.90
N ALA A 287 6.04 13.22 10.93
CA ALA A 287 6.07 12.03 10.10
C ALA A 287 6.65 12.16 8.70
N GLY A 288 7.27 11.02 8.33
CA GLY A 288 7.92 10.81 7.02
C GLY A 288 6.94 10.16 6.03
N HIS A 289 7.52 9.32 5.17
CA HIS A 289 6.80 8.61 4.07
C HIS A 289 5.85 7.54 4.58
N PHE A 290 6.32 6.84 5.58
CA PHE A 290 5.59 5.75 6.23
C PHE A 290 4.76 6.32 7.38
N VAL A 291 3.61 6.84 7.02
CA VAL A 291 2.73 7.52 8.00
C VAL A 291 2.20 6.59 9.04
N GLN A 292 2.10 5.36 8.53
CA GLN A 292 1.61 4.30 9.36
C GLN A 292 2.49 3.98 10.58
N GLU A 293 3.55 4.72 10.79
CA GLU A 293 4.40 4.44 11.97
C GLU A 293 4.03 5.45 13.10
N PHE A 294 3.12 6.33 12.72
CA PHE A 294 2.39 7.27 13.62
C PHE A 294 0.94 6.91 13.31
N GLY A 295 0.69 5.59 13.22
CA GLY A 295 -0.51 4.85 12.89
C GLY A 295 -1.74 4.89 13.76
N GLU A 296 -1.48 4.72 15.03
CA GLU A 296 -2.60 4.76 15.94
C GLU A 296 -3.34 6.08 15.89
N GLN A 297 -2.57 7.15 15.93
CA GLN A 297 -3.11 8.49 15.85
C GLN A 297 -3.90 8.57 14.57
N VAL A 298 -3.39 8.04 13.46
CA VAL A 298 -4.22 8.16 12.27
C VAL A 298 -5.53 7.37 12.31
N ALA A 299 -5.43 6.08 12.68
CA ALA A 299 -6.53 5.14 12.80
C ALA A 299 -7.61 5.71 13.72
N ARG A 300 -7.19 6.25 14.84
CA ARG A 300 -8.12 6.83 15.82
C ARG A 300 -8.94 7.98 15.24
N GLU A 301 -8.22 8.96 14.75
CA GLU A 301 -8.83 10.16 14.17
C GLU A 301 -9.62 9.84 12.96
N ALA A 302 -9.14 8.88 12.16
CA ALA A 302 -9.87 8.55 10.96
C ALA A 302 -11.28 8.02 11.28
N LEU A 303 -11.38 7.31 12.41
CA LEU A 303 -12.67 6.73 12.87
C LEU A 303 -13.51 7.79 13.59
N LYS A 304 -12.82 8.73 14.21
CA LYS A 304 -13.47 9.86 14.89
C LYS A 304 -14.13 10.71 13.81
N HIS A 305 -13.50 10.99 12.66
CA HIS A 305 -14.12 11.76 11.57
C HIS A 305 -15.26 10.95 10.98
N PHE A 306 -14.96 9.69 10.77
CA PHE A 306 -15.87 8.73 10.17
C PHE A 306 -17.28 8.64 10.73
N ALA A 307 -17.41 8.74 12.06
CA ALA A 307 -18.62 8.71 12.85
C ALA A 307 -19.24 10.10 12.97
N GLU A 308 -18.43 11.14 13.19
CA GLU A 308 -18.95 12.49 13.31
C GLU A 308 -19.71 12.96 12.05
N THR A 309 -19.69 12.16 10.97
CA THR A 309 -20.37 12.41 9.68
C THR A 309 -21.06 11.13 9.20
N GLU A 310 -21.90 10.56 10.07
CA GLU A 310 -22.66 9.34 9.78
C GLU A 310 -24.07 9.34 10.37
#